data_7WDP
#
_entry.id   7WDP
#
_cell.length_a   201.842
_cell.length_b   201.842
_cell.length_c   201.842
_cell.angle_alpha   90.00
_cell.angle_beta   90.00
_cell.angle_gamma   90.00
#
_symmetry.space_group_name_H-M   'I 4 3 2'
#
loop_
_entity.id
_entity.type
_entity.pdbx_description
1 polymer Beta-glucosidase
2 branched alpha-D-glucopyranose-(1-4)-alpha-D-glucopyranose
3 non-polymer alpha-D-glucopyranose
4 non-polymer 'SULFATE ION'
5 water water
#
_entity_poly.entity_id   1
_entity_poly.type   'polypeptide(L)'
_entity_poly.pdbx_seq_one_letter_code
;MVSTQNEPHRFPPDFQWGVATSSYQIEGAVEADGRSPSIWDTFCARPGAIADGSTGAIANDHYHRYREDIAIMKQLGVNA
YRFSIAWPRILPDGRGRVNQAGVDFYERLVDSLLEQGIEPYATLYHWDMPQVQHDRTPWYDRGVVDAFVEYTDVITRRLS
DRVKYWMTLNEPWVISFLGYGAGEHAPGLRDKELYLRAAHHVLLAHGKAMPVIRANGNAQTKAGIVLNLNWVNAASDSPE
DQAAARRYDQFFNRWFAEPLYNGRYPEELLEWYGRDLVPVQPGDFDIITTPTDFLAVNYYARTTVKAGSTDPMLQVDFVR
PPGEYTAMDWEVYPQGLYNILNWLHTDYAPPALYVTENGAAYDDQVSAAGEVDDPQRLAYLEGHFEAAYRAIQAGIPLKG
YFVWSLMDNFEWGRGFEKRFGIVFVDYATQQRIIKRSGKWFSQVTRANGLPAPQTTLP
;
_entity_poly.pdbx_strand_id   A
#
loop_
_chem_comp.id
_chem_comp.type
_chem_comp.name
_chem_comp.formula
GLC D-saccharide, alpha linking alpha-D-glucopyranose 'C6 H12 O6'
SO4 non-polymer 'SULFATE ION' 'O4 S -2'
#
# COMPACT_ATOMS: atom_id res chain seq x y z
N GLU A 7 -4.23 -30.44 -7.90
CA GLU A 7 -5.18 -29.50 -8.55
C GLU A 7 -4.37 -28.43 -9.25
N PRO A 8 -3.59 -27.63 -8.46
CA PRO A 8 -2.80 -26.49 -8.94
C PRO A 8 -1.28 -26.41 -8.73
N HIS A 9 -0.47 -26.24 -9.79
CA HIS A 9 0.97 -25.94 -9.65
C HIS A 9 1.31 -24.54 -10.23
N ARG A 10 1.56 -24.43 -11.53
CA ARG A 10 2.57 -23.46 -12.07
C ARG A 10 1.90 -22.14 -12.51
N PHE A 11 2.52 -21.04 -12.10
CA PHE A 11 2.13 -19.65 -12.46
C PHE A 11 2.65 -19.33 -13.85
N PRO A 12 2.11 -18.30 -14.55
CA PRO A 12 2.59 -17.93 -15.88
C PRO A 12 4.09 -17.70 -15.89
N PRO A 13 4.78 -17.96 -17.03
CA PRO A 13 6.24 -17.89 -17.08
C PRO A 13 6.86 -16.53 -16.68
N ASP A 14 6.18 -15.41 -16.86
CA ASP A 14 6.77 -14.08 -16.57
C ASP A 14 6.17 -13.47 -15.29
N PHE A 15 5.58 -14.30 -14.41
CA PHE A 15 4.90 -13.85 -13.17
C PHE A 15 5.95 -13.18 -12.29
N GLN A 16 5.63 -11.98 -11.79
CA GLN A 16 6.53 -11.19 -10.92
C GLN A 16 6.18 -11.61 -9.49
N TRP A 17 7.09 -12.35 -8.85
CA TRP A 17 7.06 -12.64 -7.39
C TRP A 17 7.84 -11.57 -6.63
N GLY A 18 7.20 -10.89 -5.69
CA GLY A 18 7.83 -9.77 -4.99
C GLY A 18 7.65 -9.81 -3.49
N VAL A 19 8.41 -8.92 -2.85
CA VAL A 19 8.15 -8.45 -1.48
C VAL A 19 8.00 -6.93 -1.56
N ALA A 20 7.32 -6.35 -0.56
CA ALA A 20 6.98 -4.91 -0.54
C ALA A 20 7.39 -4.29 0.79
N THR A 21 7.81 -3.03 0.70
CA THR A 21 8.06 -2.14 1.86
C THR A 21 7.54 -0.72 1.56
N SER A 22 7.59 0.17 2.56
CA SER A 22 7.50 1.64 2.37
C SER A 22 8.69 2.34 3.06
N SER A 23 9.00 3.53 2.60
CA SER A 23 10.17 4.34 2.97
C SER A 23 10.18 4.62 4.48
N TYR A 24 9.10 5.15 5.05
CA TYR A 24 9.11 5.52 6.49
C TYR A 24 9.09 4.25 7.35
N GLN A 25 8.57 3.13 6.83
CA GLN A 25 8.43 1.90 7.65
C GLN A 25 9.79 1.22 7.83
N ILE A 26 10.74 1.36 6.87
CA ILE A 26 12.02 0.57 6.91
C ILE A 26 13.29 1.44 7.00
N GLU A 27 13.29 2.64 6.44
CA GLU A 27 14.55 3.33 6.09
C GLU A 27 15.25 3.86 7.35
N GLY A 28 14.54 4.42 8.32
CA GLY A 28 15.18 5.14 9.43
C GLY A 28 16.06 6.29 8.92
N ALA A 29 17.13 6.64 9.64
CA ALA A 29 18.08 7.70 9.22
C ALA A 29 17.26 8.95 8.85
N VAL A 30 16.39 9.37 9.77
CA VAL A 30 15.31 10.36 9.49
C VAL A 30 15.90 11.76 9.32
N GLU A 31 17.10 12.00 9.85
CA GLU A 31 17.78 13.33 9.72
C GLU A 31 18.94 13.26 8.72
N ALA A 32 19.25 12.09 8.15
CA ALA A 32 20.44 11.88 7.31
C ALA A 32 20.27 12.58 5.96
N ASP A 33 21.32 13.27 5.50
CA ASP A 33 21.51 13.66 4.07
C ASP A 33 20.40 14.63 3.64
N GLY A 34 20.08 15.59 4.52
CA GLY A 34 19.14 16.70 4.25
C GLY A 34 17.66 16.31 4.29
N ARG A 35 17.31 15.11 4.78
CA ARG A 35 15.90 14.70 4.91
C ARG A 35 15.24 15.61 5.96
N SER A 36 14.10 16.19 5.60
CA SER A 36 13.24 16.99 6.50
C SER A 36 12.22 16.04 7.12
N PRO A 37 11.58 16.43 8.25
CA PRO A 37 10.56 15.59 8.87
C PRO A 37 9.34 15.40 7.96
N SER A 38 8.77 14.19 8.00
CA SER A 38 7.49 13.81 7.36
C SER A 38 6.37 14.06 8.36
N ILE A 39 5.13 14.11 7.87
CA ILE A 39 3.94 14.16 8.75
C ILE A 39 3.95 13.01 9.77
N TRP A 40 4.62 11.87 9.50
CA TRP A 40 4.76 10.73 10.45
C TRP A 40 5.82 10.99 11.50
N ASP A 41 6.92 11.66 11.16
CA ASP A 41 7.88 12.07 12.20
C ASP A 41 7.09 12.89 13.23
N THR A 42 6.23 13.81 12.81
CA THR A 42 5.48 14.72 13.74
C THR A 42 4.37 13.92 14.42
N PHE A 43 3.58 13.11 13.69
CA PHE A 43 2.46 12.32 14.26
C PHE A 43 2.94 11.36 15.34
N CYS A 44 4.13 10.75 15.22
CA CYS A 44 4.67 9.79 16.23
C CYS A 44 4.92 10.48 17.58
N ALA A 45 5.04 11.83 17.62
CA ALA A 45 5.26 12.64 18.86
C ALA A 45 3.95 12.69 19.64
N ARG A 46 2.82 12.51 18.97
CA ARG A 46 1.50 12.67 19.60
C ARG A 46 1.25 11.48 20.53
N PRO A 47 0.94 11.72 21.82
CA PRO A 47 0.51 10.67 22.75
C PRO A 47 -0.76 9.93 22.28
N GLY A 48 -0.74 8.59 22.37
CA GLY A 48 -1.84 7.67 21.97
C GLY A 48 -1.84 7.34 20.47
N ALA A 49 -0.94 7.93 19.69
CA ALA A 49 -0.94 7.80 18.22
C ALA A 49 -0.39 6.43 17.84
N ILE A 50 0.74 6.05 18.46
CA ILE A 50 1.42 4.75 18.27
C ILE A 50 1.22 3.90 19.53
N ALA A 51 0.59 2.73 19.38
CA ALA A 51 0.17 1.84 20.47
C ALA A 51 1.37 1.50 21.37
N ASP A 52 2.59 1.35 20.84
CA ASP A 52 3.76 0.95 21.65
C ASP A 52 4.66 2.16 21.96
N GLY A 53 4.24 3.39 21.63
CA GLY A 53 5.04 4.60 21.91
C GLY A 53 6.33 4.71 21.10
N SER A 54 6.44 4.00 19.97
CA SER A 54 7.65 3.96 19.12
C SER A 54 7.58 5.04 18.00
N THR A 55 8.66 5.21 17.23
CA THR A 55 8.70 6.11 16.05
C THR A 55 9.48 5.39 14.93
N GLY A 56 9.48 5.94 13.72
CA GLY A 56 10.25 5.36 12.60
C GLY A 56 11.66 5.92 12.50
N ALA A 57 12.19 6.54 13.55
CA ALA A 57 13.51 7.22 13.59
C ALA A 57 14.62 6.27 13.09
N ILE A 58 14.61 5.03 13.58
CA ILE A 58 15.63 3.99 13.22
C ILE A 58 14.98 2.92 12.34
N ALA A 59 13.83 2.38 12.73
CA ALA A 59 13.14 1.31 11.97
C ALA A 59 14.16 0.20 11.68
N ASN A 60 14.32 -0.21 10.42
CA ASN A 60 15.19 -1.34 10.00
C ASN A 60 16.54 -0.78 9.50
N ASP A 61 16.76 0.54 9.59
CA ASP A 61 18.02 1.19 9.16
C ASP A 61 18.35 0.74 7.72
N HIS A 62 17.31 0.55 6.91
CA HIS A 62 17.46 0.14 5.49
C HIS A 62 18.22 1.23 4.72
N TYR A 63 18.22 2.50 5.18
CA TYR A 63 19.02 3.59 4.55
C TYR A 63 20.50 3.20 4.55
N HIS A 64 21.09 3.09 5.75
CA HIS A 64 22.54 2.86 5.94
C HIS A 64 22.68 1.33 5.47
N ARG A 65 21.63 0.46 5.24
CA ARG A 65 21.76 -1.06 5.04
C ARG A 65 21.06 -1.79 3.85
N TYR A 66 20.56 -1.10 2.84
CA TYR A 66 19.86 -1.64 1.65
C TYR A 66 20.58 -2.83 0.99
N ARG A 67 21.90 -2.79 0.87
CA ARG A 67 22.72 -3.79 0.10
C ARG A 67 22.48 -5.19 0.69
N GLU A 68 22.60 -5.31 1.99
CA GLU A 68 22.37 -6.56 2.75
C GLU A 68 20.90 -6.99 2.53
N ASP A 69 19.96 -6.04 2.57
CA ASP A 69 18.52 -6.36 2.42
C ASP A 69 18.28 -6.90 1.01
N ILE A 70 19.02 -6.40 0.00
CA ILE A 70 18.93 -6.92 -1.40
C ILE A 70 19.50 -8.35 -1.48
N ALA A 71 20.63 -8.65 -0.84
CA ALA A 71 21.19 -10.01 -0.73
C ALA A 71 20.12 -10.97 -0.17
N ILE A 72 19.32 -10.49 0.80
CA ILE A 72 18.21 -11.30 1.40
C ILE A 72 17.11 -11.54 0.36
N MET A 73 16.77 -10.54 -0.44
CA MET A 73 15.76 -10.69 -1.52
C MET A 73 16.29 -11.73 -2.53
N LYS A 74 17.60 -11.72 -2.81
CA LYS A 74 18.19 -12.73 -3.73
C LYS A 74 18.01 -14.12 -3.10
N GLN A 75 18.24 -14.27 -1.79
CA GLN A 75 17.99 -15.55 -1.07
C GLN A 75 16.51 -15.94 -1.19
N LEU A 76 15.58 -14.97 -1.23
CA LEU A 76 14.12 -15.26 -1.33
C LEU A 76 13.74 -15.59 -2.79
N GLY A 77 14.58 -15.22 -3.77
CA GLY A 77 14.39 -15.54 -5.20
C GLY A 77 13.32 -14.69 -5.87
N VAL A 78 12.95 -13.56 -5.27
CA VAL A 78 12.03 -12.57 -5.91
C VAL A 78 12.64 -12.10 -7.23
N ASN A 79 11.82 -11.84 -8.25
CA ASN A 79 12.30 -11.15 -9.49
C ASN A 79 11.82 -9.69 -9.47
N ALA A 80 11.25 -9.24 -8.35
CA ALA A 80 10.66 -7.89 -8.22
C ALA A 80 10.67 -7.47 -6.75
N TYR A 81 10.89 -6.17 -6.52
CA TYR A 81 10.90 -5.53 -5.20
C TYR A 81 10.03 -4.27 -5.28
N ARG A 82 9.01 -4.16 -4.44
CA ARG A 82 8.14 -2.96 -4.36
C ARG A 82 8.61 -2.16 -3.14
N PHE A 83 8.91 -0.89 -3.35
CA PHE A 83 9.34 0.07 -2.30
C PHE A 83 8.71 1.43 -2.60
N SER A 84 8.74 2.34 -1.63
CA SER A 84 8.33 3.76 -1.81
C SER A 84 9.55 4.68 -1.77
N ILE A 85 9.39 5.83 -2.40
CA ILE A 85 10.40 6.93 -2.36
C ILE A 85 9.89 7.98 -1.38
N ALA A 86 10.77 8.40 -0.46
CA ALA A 86 10.48 9.42 0.55
C ALA A 86 10.60 10.80 -0.10
N TRP A 87 9.46 11.41 -0.41
CA TRP A 87 9.30 12.85 -0.74
C TRP A 87 10.18 13.72 0.18
N PRO A 88 10.16 13.55 1.51
CA PRO A 88 11.08 14.28 2.40
C PRO A 88 12.58 14.26 2.08
N ARG A 89 13.08 13.25 1.36
CA ARG A 89 14.51 13.15 0.97
C ARG A 89 14.70 13.82 -0.39
N ILE A 90 13.70 13.79 -1.29
CA ILE A 90 13.87 14.32 -2.68
C ILE A 90 13.75 15.84 -2.67
N LEU A 91 12.67 16.35 -2.08
CA LEU A 91 12.38 17.80 -1.90
C LEU A 91 12.09 18.05 -0.42
N PRO A 92 13.14 18.22 0.40
CA PRO A 92 12.99 18.55 1.83
C PRO A 92 12.26 19.85 2.17
N ASP A 93 12.23 20.83 1.25
CA ASP A 93 11.50 22.11 1.43
C ASP A 93 10.11 21.92 0.85
N GLY A 94 9.76 20.69 0.43
CA GLY A 94 8.44 20.33 -0.14
C GLY A 94 8.42 20.54 -1.64
N ARG A 95 8.94 21.69 -2.09
CA ARG A 95 9.13 22.10 -3.52
C ARG A 95 10.48 22.78 -3.69
N GLY A 96 10.81 23.18 -4.93
CA GLY A 96 12.06 23.89 -5.28
C GLY A 96 13.28 22.98 -5.24
N ARG A 97 14.17 23.23 -4.29
CA ARG A 97 15.57 22.74 -4.33
C ARG A 97 15.60 21.20 -4.20
N VAL A 98 16.07 20.50 -5.24
CA VAL A 98 16.34 19.04 -5.20
C VAL A 98 17.49 18.77 -4.23
N ASN A 99 17.30 17.80 -3.33
CA ASN A 99 18.34 17.33 -2.40
C ASN A 99 19.06 16.20 -3.13
N GLN A 100 20.23 16.50 -3.70
CA GLN A 100 20.99 15.55 -4.56
C GLN A 100 21.31 14.25 -3.77
N ALA A 101 21.74 14.34 -2.52
CA ALA A 101 22.02 13.17 -1.68
C ALA A 101 20.76 12.28 -1.55
N GLY A 102 19.57 12.88 -1.54
CA GLY A 102 18.31 12.11 -1.48
C GLY A 102 18.07 11.32 -2.76
N VAL A 103 18.10 11.97 -3.92
CA VAL A 103 18.03 11.25 -5.22
C VAL A 103 19.08 10.14 -5.22
N ASP A 104 20.29 10.44 -4.74
CA ASP A 104 21.45 9.52 -4.74
C ASP A 104 21.09 8.15 -4.13
N PHE A 105 20.50 8.16 -2.94
CA PHE A 105 20.12 6.92 -2.22
C PHE A 105 19.27 6.05 -3.15
N TYR A 106 18.25 6.59 -3.81
CA TYR A 106 17.29 5.82 -4.64
C TYR A 106 17.98 5.36 -5.92
N GLU A 107 18.98 6.10 -6.40
CA GLU A 107 19.82 5.69 -7.55
C GLU A 107 20.70 4.49 -7.19
N ARG A 108 21.28 4.50 -5.99
CA ARG A 108 22.12 3.39 -5.46
C ARG A 108 21.20 2.17 -5.29
N LEU A 109 20.04 2.36 -4.64
CA LEU A 109 19.01 1.29 -4.43
C LEU A 109 18.65 0.64 -5.78
N VAL A 110 18.20 1.43 -6.75
CA VAL A 110 17.77 0.92 -8.08
C VAL A 110 18.98 0.25 -8.76
N ASP A 111 20.17 0.86 -8.69
CA ASP A 111 21.40 0.30 -9.33
C ASP A 111 21.63 -1.10 -8.74
N SER A 112 21.71 -1.23 -7.41
CA SER A 112 21.99 -2.51 -6.70
C SER A 112 20.89 -3.54 -7.00
N LEU A 113 19.63 -3.13 -7.13
CA LEU A 113 18.52 -4.03 -7.50
C LEU A 113 18.74 -4.59 -8.91
N LEU A 114 19.01 -3.73 -9.89
CA LEU A 114 19.06 -4.16 -11.30
C LEU A 114 20.24 -5.12 -11.54
N GLU A 115 21.36 -4.90 -10.86
CA GLU A 115 22.61 -5.70 -11.01
C GLU A 115 22.44 -7.03 -10.26
N GLN A 116 21.38 -7.21 -9.48
CA GLN A 116 21.02 -8.52 -8.88
C GLN A 116 19.81 -9.08 -9.61
N GLY A 117 19.41 -8.47 -10.74
CA GLY A 117 18.31 -8.93 -11.61
C GLY A 117 16.94 -8.86 -10.96
N ILE A 118 16.69 -7.89 -10.06
CA ILE A 118 15.38 -7.65 -9.38
C ILE A 118 14.72 -6.41 -10.00
N GLU A 119 13.52 -6.56 -10.56
CA GLU A 119 12.78 -5.46 -11.24
C GLU A 119 12.24 -4.51 -10.16
N PRO A 120 12.60 -3.21 -10.21
CA PRO A 120 12.10 -2.24 -9.22
C PRO A 120 10.67 -1.76 -9.54
N TYR A 121 9.79 -1.82 -8.55
CA TYR A 121 8.41 -1.26 -8.62
C TYR A 121 8.33 -0.12 -7.62
N ALA A 122 8.36 1.13 -8.09
CA ALA A 122 8.49 2.33 -7.23
C ALA A 122 7.12 2.95 -6.98
N THR A 123 6.74 3.06 -5.70
CA THR A 123 5.56 3.82 -5.20
C THR A 123 5.98 5.28 -4.93
N LEU A 124 5.34 6.26 -5.57
CA LEU A 124 5.75 7.70 -5.38
C LEU A 124 5.34 8.20 -3.98
N TYR A 125 4.12 7.92 -3.53
CA TYR A 125 3.60 8.43 -2.24
C TYR A 125 3.09 7.26 -1.40
N HIS A 126 3.80 6.92 -0.34
CA HIS A 126 3.35 5.98 0.71
C HIS A 126 3.30 6.71 2.06
N TRP A 127 2.62 7.85 2.09
CA TRP A 127 2.00 8.43 3.29
C TRP A 127 2.95 9.36 4.03
N ASP A 128 4.10 9.67 3.45
CA ASP A 128 5.18 10.37 4.17
C ASP A 128 5.44 11.76 3.54
N MET A 129 4.38 12.57 3.36
CA MET A 129 4.54 13.97 2.88
C MET A 129 5.45 14.71 3.84
N PRO A 130 6.37 15.55 3.32
CA PRO A 130 7.15 16.46 4.16
C PRO A 130 6.24 17.31 5.07
N GLN A 131 6.57 17.44 6.37
CA GLN A 131 5.77 18.28 7.31
C GLN A 131 5.63 19.68 6.72
N VAL A 132 6.72 20.22 6.20
CA VAL A 132 6.77 21.63 5.74
C VAL A 132 5.79 21.80 4.58
N GLN A 133 5.62 20.77 3.73
CA GLN A 133 4.68 20.85 2.58
C GLN A 133 3.24 20.73 3.08
N HIS A 134 3.01 19.88 4.08
CA HIS A 134 1.67 19.69 4.70
C HIS A 134 1.23 21.01 5.32
N ASP A 135 2.18 21.80 5.85
CA ASP A 135 1.94 23.13 6.46
C ASP A 135 1.36 24.08 5.40
N ARG A 136 1.73 23.94 4.12
CA ARG A 136 1.21 24.76 2.98
C ARG A 136 -0.01 24.10 2.31
N THR A 137 0.06 22.79 2.03
CA THR A 137 -0.98 22.05 1.26
C THR A 137 -1.29 20.70 1.91
N PRO A 138 -2.18 20.65 2.93
CA PRO A 138 -2.75 19.39 3.41
C PRO A 138 -3.52 18.70 2.29
N TRP A 139 -3.79 17.38 2.41
CA TRP A 139 -4.46 16.65 1.30
C TRP A 139 -5.82 17.31 1.00
N TYR A 140 -6.43 18.02 1.95
CA TYR A 140 -7.76 18.65 1.78
C TYR A 140 -7.62 19.97 1.00
N ASP A 141 -6.40 20.42 0.76
CA ASP A 141 -6.13 21.70 0.04
C ASP A 141 -5.75 21.31 -1.39
N ARG A 142 -6.50 21.83 -2.37
CA ARG A 142 -6.36 21.47 -3.80
C ARG A 142 -4.93 21.77 -4.31
N GLY A 143 -4.19 22.69 -3.67
CA GLY A 143 -2.78 23.00 -4.03
C GLY A 143 -1.86 21.79 -3.91
N VAL A 144 -2.25 20.75 -3.16
CA VAL A 144 -1.44 19.53 -2.93
C VAL A 144 -1.16 18.86 -4.27
N VAL A 145 -2.10 18.94 -5.20
CA VAL A 145 -2.00 18.23 -6.50
C VAL A 145 -0.70 18.63 -7.22
N ASP A 146 -0.50 19.92 -7.50
CA ASP A 146 0.70 20.45 -8.20
C ASP A 146 1.95 20.19 -7.35
N ALA A 147 1.86 20.21 -6.03
CA ALA A 147 3.02 19.91 -5.15
C ALA A 147 3.50 18.46 -5.39
N PHE A 148 2.55 17.55 -5.55
CA PHE A 148 2.84 16.12 -5.76
C PHE A 148 3.35 15.91 -7.19
N VAL A 149 2.70 16.53 -8.19
CA VAL A 149 3.15 16.49 -9.61
C VAL A 149 4.60 16.97 -9.71
N GLU A 150 4.96 18.07 -9.05
CA GLU A 150 6.34 18.61 -9.07
C GLU A 150 7.30 17.53 -8.54
N TYR A 151 7.03 16.93 -7.37
CA TYR A 151 7.82 15.85 -6.75
C TYR A 151 7.94 14.70 -7.75
N THR A 152 6.82 14.29 -8.32
CA THR A 152 6.75 13.23 -9.35
C THR A 152 7.72 13.57 -10.49
N ASP A 153 7.67 14.82 -10.97
CA ASP A 153 8.47 15.30 -12.13
C ASP A 153 9.96 15.12 -11.80
N VAL A 154 10.40 15.66 -10.68
CA VAL A 154 11.84 15.64 -10.28
C VAL A 154 12.32 14.19 -10.29
N ILE A 155 11.65 13.30 -9.55
CA ILE A 155 12.17 11.93 -9.28
C ILE A 155 11.99 11.05 -10.51
N THR A 156 10.92 11.19 -11.29
CA THR A 156 10.70 10.41 -12.53
C THR A 156 11.75 10.77 -13.59
N ARG A 157 12.25 12.01 -13.61
CA ARG A 157 13.30 12.49 -14.55
C ARG A 157 14.62 11.78 -14.26
N ARG A 158 14.96 11.55 -12.99
CA ARG A 158 16.23 10.91 -12.56
C ARG A 158 16.20 9.40 -12.79
N LEU A 159 15.05 8.72 -12.57
CA LEU A 159 15.03 7.26 -12.34
C LEU A 159 14.36 6.50 -13.49
N SER A 160 13.64 7.14 -14.40
CA SER A 160 12.80 6.36 -15.36
C SER A 160 13.69 5.77 -16.47
N ASP A 161 14.99 6.07 -16.50
CA ASP A 161 15.94 5.34 -17.39
C ASP A 161 16.00 3.89 -16.90
N ARG A 162 15.78 3.66 -15.60
CA ARG A 162 15.96 2.36 -14.89
C ARG A 162 14.68 1.85 -14.21
N VAL A 163 13.68 2.70 -13.98
CA VAL A 163 12.39 2.25 -13.38
C VAL A 163 11.30 2.35 -14.46
N LYS A 164 10.82 1.17 -14.86
CA LYS A 164 9.72 0.93 -15.84
C LYS A 164 8.38 1.03 -15.09
N TYR A 165 8.26 0.41 -13.90
CA TYR A 165 6.98 0.22 -13.15
C TYR A 165 6.85 1.26 -12.03
N TRP A 166 5.84 2.12 -12.14
CA TRP A 166 5.60 3.23 -11.21
C TRP A 166 4.18 3.12 -10.70
N MET A 167 4.02 3.42 -9.42
CA MET A 167 2.72 3.53 -8.75
C MET A 167 2.60 4.96 -8.18
N THR A 168 1.47 5.60 -8.41
CA THR A 168 1.27 7.02 -8.04
C THR A 168 1.14 7.13 -6.53
N LEU A 169 0.00 6.72 -5.96
CA LEU A 169 -0.25 6.84 -4.50
C LEU A 169 -0.71 5.50 -3.93
N ASN A 170 -0.21 5.16 -2.75
CA ASN A 170 -0.59 3.93 -2.01
C ASN A 170 -1.89 4.19 -1.23
N GLU A 171 -2.98 3.49 -1.58
CA GLU A 171 -4.21 3.37 -0.74
C GLU A 171 -4.85 4.73 -0.42
N PRO A 172 -5.50 5.38 -1.41
CA PRO A 172 -6.25 6.63 -1.18
C PRO A 172 -7.18 6.64 0.04
N TRP A 173 -7.82 5.53 0.31
CA TRP A 173 -8.75 5.39 1.44
C TRP A 173 -7.99 5.65 2.74
N VAL A 174 -6.81 5.05 2.87
CA VAL A 174 -6.02 5.16 4.13
C VAL A 174 -5.59 6.61 4.21
N ILE A 175 -4.97 7.11 3.15
CA ILE A 175 -4.48 8.52 3.10
C ILE A 175 -5.60 9.45 3.58
N SER A 176 -6.80 9.31 3.06
CA SER A 176 -7.86 10.33 3.26
C SER A 176 -8.67 10.01 4.50
N PHE A 177 -9.22 8.81 4.61
CA PHE A 177 -10.05 8.46 5.78
C PHE A 177 -9.18 8.30 7.04
N LEU A 178 -8.09 7.52 7.05
CA LEU A 178 -7.36 7.29 8.33
C LEU A 178 -6.62 8.57 8.69
N GLY A 179 -6.20 9.33 7.67
CA GLY A 179 -5.44 10.58 7.91
C GLY A 179 -6.34 11.72 8.38
N TYR A 180 -7.53 11.85 7.82
CA TYR A 180 -8.35 13.09 7.94
C TYR A 180 -9.74 12.81 8.47
N GLY A 181 -10.21 11.55 8.41
CA GLY A 181 -11.59 11.15 8.77
C GLY A 181 -11.67 10.47 10.13
N ALA A 182 -10.67 9.65 10.50
CA ALA A 182 -10.69 8.80 11.72
C ALA A 182 -9.60 9.26 12.70
N GLY A 183 -8.65 10.10 12.25
CA GLY A 183 -7.53 10.65 13.06
C GLY A 183 -6.55 9.60 13.51
N GLU A 184 -6.48 8.45 12.83
CA GLU A 184 -5.64 7.31 13.28
C GLU A 184 -4.26 7.33 12.62
N HIS A 185 -4.12 8.01 11.47
CA HIS A 185 -2.87 8.15 10.70
C HIS A 185 -2.54 9.64 10.55
N ALA A 186 -1.27 9.97 10.39
CA ALA A 186 -0.80 11.33 10.03
C ALA A 186 -1.70 11.89 8.92
N PRO A 187 -2.13 13.17 9.00
CA PRO A 187 -1.74 14.08 10.09
C PRO A 187 -2.63 14.01 11.33
N GLY A 188 -3.61 13.11 11.39
CA GLY A 188 -4.41 12.82 12.60
C GLY A 188 -5.59 13.78 12.79
N LEU A 189 -6.30 14.08 11.72
CA LEU A 189 -7.51 14.94 11.76
C LEU A 189 -8.73 14.04 11.65
N ARG A 190 -9.87 14.50 12.16
CA ARG A 190 -11.12 13.70 12.19
C ARG A 190 -12.30 14.55 11.73
N ASP A 191 -12.55 14.57 10.44
CA ASP A 191 -13.59 15.47 9.87
C ASP A 191 -14.08 14.89 8.54
N LYS A 192 -15.40 14.69 8.44
CA LYS A 192 -15.99 14.12 7.21
C LYS A 192 -15.55 14.96 6.00
N GLU A 193 -15.67 16.29 6.08
CA GLU A 193 -15.36 17.18 4.92
C GLU A 193 -13.89 17.05 4.52
N LEU A 194 -13.00 17.05 5.51
CA LEU A 194 -11.53 16.99 5.26
C LEU A 194 -11.18 15.66 4.57
N TYR A 195 -11.78 14.55 5.02
CA TYR A 195 -11.61 13.20 4.42
C TYR A 195 -12.05 13.24 2.94
N LEU A 196 -13.23 13.79 2.68
CA LEU A 196 -13.84 13.74 1.32
C LEU A 196 -13.01 14.60 0.40
N ARG A 197 -12.52 15.73 0.88
CA ARG A 197 -11.67 16.63 0.05
C ARG A 197 -10.34 15.92 -0.23
N ALA A 198 -9.74 15.33 0.80
CA ALA A 198 -8.42 14.67 0.67
C ALA A 198 -8.59 13.49 -0.32
N ALA A 199 -9.69 12.76 -0.20
CA ALA A 199 -10.01 11.62 -1.09
C ALA A 199 -9.98 12.10 -2.54
N HIS A 200 -10.58 13.26 -2.81
CA HIS A 200 -10.71 13.83 -4.18
C HIS A 200 -9.34 14.30 -4.67
N HIS A 201 -8.54 14.92 -3.80
CA HIS A 201 -7.22 15.46 -4.22
C HIS A 201 -6.24 14.32 -4.43
N VAL A 202 -6.33 13.22 -3.67
CA VAL A 202 -5.54 12.00 -3.97
C VAL A 202 -5.85 11.54 -5.41
N LEU A 203 -7.13 11.40 -5.81
CA LEU A 203 -7.50 10.94 -7.17
C LEU A 203 -6.95 11.92 -8.20
N LEU A 204 -7.08 13.20 -7.95
CA LEU A 204 -6.63 14.24 -8.90
C LEU A 204 -5.10 14.19 -9.02
N ALA A 205 -4.41 14.07 -7.89
CA ALA A 205 -2.94 13.94 -7.81
C ALA A 205 -2.55 12.71 -8.63
N HIS A 206 -3.33 11.62 -8.55
CA HIS A 206 -3.02 10.41 -9.35
C HIS A 206 -3.13 10.74 -10.83
N GLY A 207 -4.21 11.41 -11.22
CA GLY A 207 -4.53 11.68 -12.64
C GLY A 207 -3.55 12.65 -13.26
N LYS A 208 -3.20 13.72 -12.53
CA LYS A 208 -2.27 14.78 -13.01
C LYS A 208 -0.84 14.21 -13.10
N ALA A 209 -0.48 13.22 -12.28
CA ALA A 209 0.89 12.64 -12.29
C ALA A 209 1.06 11.72 -13.51
N MET A 210 0.03 10.96 -13.87
CA MET A 210 0.12 9.93 -14.94
C MET A 210 0.83 10.46 -16.19
N PRO A 211 0.39 11.54 -16.88
CA PRO A 211 1.09 11.99 -18.09
C PRO A 211 2.51 12.52 -17.84
N VAL A 212 2.83 12.95 -16.61
CA VAL A 212 4.21 13.37 -16.22
C VAL A 212 5.11 12.13 -16.17
N ILE A 213 4.64 11.04 -15.57
CA ILE A 213 5.38 9.74 -15.56
C ILE A 213 5.65 9.26 -16.99
N ARG A 214 4.66 9.33 -17.87
CA ARG A 214 4.72 8.84 -19.29
C ARG A 214 5.67 9.73 -20.09
N ALA A 215 5.56 11.05 -19.91
CA ALA A 215 6.40 12.05 -20.62
C ALA A 215 7.85 11.87 -20.22
N ASN A 216 8.16 11.62 -18.93
CA ASN A 216 9.53 11.49 -18.40
C ASN A 216 10.07 10.06 -18.61
N GLY A 217 9.31 9.17 -19.26
CA GLY A 217 9.71 7.76 -19.48
C GLY A 217 9.86 7.45 -20.95
N ASN A 218 9.57 6.21 -21.32
CA ASN A 218 9.73 5.63 -22.68
C ASN A 218 8.44 4.84 -22.94
N ALA A 219 8.40 4.06 -24.00
CA ALA A 219 7.17 3.34 -24.43
C ALA A 219 7.01 2.10 -23.54
N GLN A 220 8.06 1.74 -22.79
CA GLN A 220 8.05 0.62 -21.81
C GLN A 220 7.42 1.07 -20.47
N THR A 221 7.37 2.38 -20.17
CA THR A 221 6.88 2.88 -18.85
C THR A 221 5.45 2.38 -18.57
N LYS A 222 5.22 1.84 -17.38
CA LYS A 222 3.87 1.42 -16.92
C LYS A 222 3.56 2.09 -15.58
N ALA A 223 2.35 2.60 -15.43
CA ALA A 223 1.96 3.31 -14.19
C ALA A 223 0.51 2.98 -13.81
N GLY A 224 0.25 3.07 -12.50
CA GLY A 224 -1.12 2.96 -11.99
C GLY A 224 -1.17 3.36 -10.56
N ILE A 225 -2.36 3.33 -10.01
CA ILE A 225 -2.60 3.58 -8.58
C ILE A 225 -2.63 2.23 -7.84
N VAL A 226 -2.52 2.28 -6.52
CA VAL A 226 -2.66 1.14 -5.59
C VAL A 226 -3.90 1.38 -4.70
N LEU A 227 -4.92 0.53 -4.80
CA LEU A 227 -6.10 0.60 -3.93
C LEU A 227 -5.94 -0.48 -2.87
N ASN A 228 -6.24 -0.17 -1.61
CA ASN A 228 -6.58 -1.19 -0.60
C ASN A 228 -8.04 -1.58 -0.84
N LEU A 229 -8.31 -2.89 -0.91
CA LEU A 229 -9.65 -3.50 -1.11
C LEU A 229 -9.70 -4.74 -0.22
N ASN A 230 -10.80 -4.91 0.50
CA ASN A 230 -11.07 -6.05 1.40
C ASN A 230 -12.43 -6.58 0.97
N TRP A 231 -12.73 -7.85 1.22
CA TRP A 231 -14.04 -8.43 0.84
C TRP A 231 -15.05 -8.03 1.90
N VAL A 232 -16.17 -7.44 1.48
CA VAL A 232 -17.21 -6.96 2.41
C VAL A 232 -18.39 -7.92 2.39
N ASN A 233 -18.96 -8.10 3.55
CA ASN A 233 -19.90 -9.18 3.87
C ASN A 233 -21.03 -8.59 4.69
N ALA A 234 -22.28 -8.81 4.29
CA ALA A 234 -23.46 -8.47 5.12
C ALA A 234 -23.53 -9.48 6.26
N ALA A 235 -23.64 -9.04 7.52
CA ALA A 235 -23.69 -9.93 8.70
C ALA A 235 -24.91 -10.88 8.65
N SER A 236 -26.01 -10.48 7.99
CA SER A 236 -27.30 -11.23 7.85
C SER A 236 -27.89 -10.94 6.46
N ASP A 237 -29.09 -11.47 6.14
CA ASP A 237 -29.84 -10.99 4.95
C ASP A 237 -30.96 -10.02 5.38
N SER A 238 -30.98 -9.58 6.65
CA SER A 238 -31.88 -8.51 7.15
C SER A 238 -31.70 -7.28 6.25
N PRO A 239 -32.78 -6.60 5.79
CA PRO A 239 -32.63 -5.60 4.74
C PRO A 239 -31.74 -4.40 5.11
N GLU A 240 -31.66 -4.03 6.41
CA GLU A 240 -30.86 -2.87 6.90
C GLU A 240 -29.41 -3.28 7.25
N ASP A 241 -29.14 -4.58 7.39
CA ASP A 241 -27.75 -5.12 7.51
C ASP A 241 -27.14 -5.13 6.11
N GLN A 242 -27.92 -5.49 5.08
CA GLN A 242 -27.45 -5.50 3.66
C GLN A 242 -27.26 -4.07 3.18
N ALA A 243 -28.01 -3.10 3.71
CA ALA A 243 -27.85 -1.68 3.37
C ALA A 243 -26.54 -1.18 4.01
N ALA A 244 -26.32 -1.45 5.30
CA ALA A 244 -25.07 -1.16 6.05
C ALA A 244 -23.82 -1.69 5.31
N ALA A 245 -23.87 -2.93 4.84
CA ALA A 245 -22.77 -3.60 4.10
C ALA A 245 -22.56 -2.85 2.78
N ARG A 246 -23.64 -2.48 2.11
CA ARG A 246 -23.63 -1.82 0.78
C ARG A 246 -22.92 -0.46 0.94
N ARG A 247 -23.26 0.27 2.00
CA ARG A 247 -22.68 1.59 2.33
C ARG A 247 -21.18 1.46 2.67
N TYR A 248 -20.75 0.45 3.45
CA TYR A 248 -19.32 0.26 3.83
C TYR A 248 -18.53 -0.15 2.58
N ASP A 249 -19.08 -1.04 1.75
CA ASP A 249 -18.53 -1.43 0.41
C ASP A 249 -18.27 -0.15 -0.41
N GLN A 250 -19.25 0.74 -0.49
CA GLN A 250 -19.16 1.98 -1.29
C GLN A 250 -18.01 2.85 -0.74
N PHE A 251 -17.91 2.89 0.59
CA PHE A 251 -16.94 3.70 1.37
C PHE A 251 -15.52 3.15 1.19
N PHE A 252 -15.37 1.82 1.30
CA PHE A 252 -14.05 1.13 1.40
C PHE A 252 -13.57 0.76 -0.01
N ASN A 253 -14.40 0.07 -0.82
CA ASN A 253 -13.95 -0.57 -2.09
C ASN A 253 -14.30 0.30 -3.33
N ARG A 254 -15.45 0.99 -3.33
CA ARG A 254 -15.97 1.57 -4.59
C ARG A 254 -15.65 3.06 -4.67
N TRP A 255 -15.26 3.68 -3.56
CA TRP A 255 -15.14 5.17 -3.49
C TRP A 255 -14.07 5.66 -4.47
N PHE A 256 -13.02 4.89 -4.72
CA PHE A 256 -11.91 5.34 -5.61
C PHE A 256 -12.02 4.62 -6.95
N ALA A 257 -12.42 3.35 -6.94
CA ALA A 257 -12.49 2.53 -8.16
C ALA A 257 -13.51 3.14 -9.14
N GLU A 258 -14.65 3.64 -8.66
CA GLU A 258 -15.71 4.19 -9.56
C GLU A 258 -15.23 5.48 -10.23
N PRO A 259 -14.64 6.46 -9.51
CA PRO A 259 -14.02 7.62 -10.14
C PRO A 259 -12.97 7.25 -11.21
N LEU A 260 -12.08 6.32 -10.89
CA LEU A 260 -10.95 5.95 -11.77
C LEU A 260 -11.47 5.37 -13.10
N TYR A 261 -12.55 4.59 -13.10
CA TYR A 261 -12.99 3.84 -14.31
C TYR A 261 -14.29 4.40 -14.91
N ASN A 262 -15.15 5.06 -14.15
CA ASN A 262 -16.50 5.47 -14.60
C ASN A 262 -16.73 6.97 -14.35
N GLY A 263 -15.74 7.71 -13.87
CA GLY A 263 -15.85 9.17 -13.70
C GLY A 263 -16.98 9.58 -12.76
N ARG A 264 -17.31 8.74 -11.78
CA ARG A 264 -18.39 9.02 -10.79
C ARG A 264 -18.02 8.47 -9.40
N TYR A 265 -18.49 9.14 -8.36
CA TYR A 265 -18.51 8.58 -7.00
C TYR A 265 -19.76 7.73 -6.86
N PRO A 266 -19.73 6.72 -5.97
CA PRO A 266 -20.94 5.95 -5.66
C PRO A 266 -22.05 6.90 -5.16
N GLU A 267 -23.11 7.03 -5.95
CA GLU A 267 -24.11 8.14 -5.90
C GLU A 267 -24.80 8.13 -4.52
N GLU A 268 -25.27 6.99 -4.05
CA GLU A 268 -26.08 6.94 -2.80
C GLU A 268 -25.24 7.34 -1.57
N LEU A 269 -23.97 6.92 -1.48
CA LEU A 269 -23.09 7.32 -0.36
C LEU A 269 -22.69 8.80 -0.52
N LEU A 270 -22.44 9.27 -1.74
CA LEU A 270 -22.20 10.72 -1.99
C LEU A 270 -23.37 11.55 -1.45
N GLU A 271 -24.61 11.14 -1.72
CA GLU A 271 -25.87 11.78 -1.24
C GLU A 271 -25.89 11.73 0.29
N TRP A 272 -25.75 10.55 0.89
CA TRP A 272 -25.73 10.32 2.36
C TRP A 272 -24.76 11.33 3.03
N TYR A 273 -23.58 11.52 2.46
CA TYR A 273 -22.52 12.39 3.03
C TYR A 273 -22.92 13.87 2.94
N GLY A 274 -23.51 14.29 1.80
CA GLY A 274 -23.63 15.70 1.40
C GLY A 274 -22.80 15.98 0.17
N ARG A 275 -23.39 15.81 -1.03
CA ARG A 275 -22.69 15.83 -2.35
C ARG A 275 -21.73 17.02 -2.48
N ASP A 276 -22.10 18.17 -1.91
CA ASP A 276 -21.33 19.46 -1.93
C ASP A 276 -19.98 19.33 -1.21
N LEU A 277 -19.80 18.36 -0.29
CA LEU A 277 -18.58 18.35 0.57
C LEU A 277 -17.38 17.95 -0.28
N VAL A 278 -17.63 17.24 -1.38
CA VAL A 278 -16.57 16.79 -2.32
C VAL A 278 -16.31 17.94 -3.28
N PRO A 279 -15.09 18.51 -3.35
CA PRO A 279 -14.86 19.72 -4.12
C PRO A 279 -14.57 19.40 -5.60
N VAL A 280 -15.57 18.83 -6.30
CA VAL A 280 -15.44 18.45 -7.74
C VAL A 280 -15.44 19.74 -8.55
N GLN A 281 -14.45 19.94 -9.41
CA GLN A 281 -14.44 21.04 -10.40
C GLN A 281 -14.55 20.41 -11.80
N PRO A 282 -15.00 21.19 -12.80
CA PRO A 282 -15.05 20.72 -14.19
C PRO A 282 -13.73 20.17 -14.74
N GLY A 283 -13.84 19.09 -15.52
CA GLY A 283 -12.70 18.31 -16.03
C GLY A 283 -11.98 17.49 -14.96
N ASP A 284 -12.45 17.43 -13.72
CA ASP A 284 -11.73 16.66 -12.66
C ASP A 284 -11.82 15.15 -13.01
N PHE A 285 -13.01 14.67 -13.36
CA PHE A 285 -13.25 13.26 -13.74
C PHE A 285 -12.48 12.92 -15.01
N ASP A 286 -12.28 13.88 -15.92
CA ASP A 286 -11.45 13.65 -17.15
C ASP A 286 -10.01 13.32 -16.70
N ILE A 287 -9.47 14.11 -15.76
CA ILE A 287 -8.11 13.89 -15.18
C ILE A 287 -8.08 12.56 -14.41
N ILE A 288 -9.08 12.27 -13.58
CA ILE A 288 -9.06 11.07 -12.68
C ILE A 288 -9.09 9.78 -13.52
N THR A 289 -9.81 9.77 -14.64
CA THR A 289 -9.99 8.59 -15.54
C THR A 289 -8.79 8.40 -16.49
N THR A 290 -7.71 9.15 -16.37
CA THR A 290 -6.57 9.02 -17.30
C THR A 290 -6.21 7.55 -17.40
N PRO A 291 -6.11 6.95 -18.61
CA PRO A 291 -5.81 5.53 -18.74
C PRO A 291 -4.55 5.13 -17.95
N THR A 292 -4.67 4.02 -17.21
CA THR A 292 -3.58 3.33 -16.46
C THR A 292 -3.18 2.04 -17.20
N ASP A 293 -1.97 1.54 -16.98
CA ASP A 293 -1.48 0.24 -17.52
C ASP A 293 -1.88 -0.94 -16.64
N PHE A 294 -2.21 -0.67 -15.39
CA PHE A 294 -2.63 -1.71 -14.42
C PHE A 294 -3.32 -1.06 -13.23
N LEU A 295 -3.99 -1.90 -12.44
CA LEU A 295 -4.54 -1.62 -11.10
C LEU A 295 -3.82 -2.55 -10.13
N ALA A 296 -3.22 -1.95 -9.11
CA ALA A 296 -2.53 -2.62 -8.00
C ALA A 296 -3.53 -2.67 -6.85
N VAL A 297 -3.60 -3.83 -6.23
CA VAL A 297 -4.56 -4.21 -5.17
C VAL A 297 -3.78 -4.60 -3.92
N ASN A 298 -4.14 -4.03 -2.79
CA ASN A 298 -3.65 -4.38 -1.44
C ASN A 298 -4.83 -5.02 -0.70
N TYR A 299 -4.73 -6.34 -0.46
CA TYR A 299 -5.82 -7.22 0.04
C TYR A 299 -5.33 -7.87 1.32
N TYR A 300 -6.13 -7.87 2.38
CA TYR A 300 -5.74 -8.49 3.68
C TYR A 300 -6.84 -9.34 4.27
N ALA A 301 -8.12 -8.96 4.11
CA ALA A 301 -9.18 -9.49 4.98
C ALA A 301 -10.60 -9.39 4.40
N ARG A 302 -11.51 -10.06 5.11
CA ARG A 302 -12.97 -9.90 5.01
C ARG A 302 -13.41 -9.05 6.19
N THR A 303 -14.27 -8.07 5.88
CA THR A 303 -14.97 -7.20 6.86
C THR A 303 -16.47 -7.50 6.77
N THR A 304 -17.07 -7.83 7.90
CA THR A 304 -18.48 -8.24 8.02
C THR A 304 -19.19 -7.14 8.79
N VAL A 305 -20.24 -6.57 8.18
CA VAL A 305 -20.85 -5.29 8.62
C VAL A 305 -22.30 -5.56 9.01
N LYS A 306 -22.74 -4.89 10.08
CA LYS A 306 -24.19 -4.87 10.46
C LYS A 306 -24.61 -3.41 10.69
N ALA A 307 -25.91 -3.14 10.54
CA ALA A 307 -26.57 -1.86 10.91
C ALA A 307 -26.28 -1.57 12.39
N GLY A 308 -25.86 -0.36 12.74
CA GLY A 308 -25.36 -0.06 14.10
C GLY A 308 -24.87 1.37 14.19
N SER A 309 -24.10 1.73 15.22
CA SER A 309 -23.44 3.06 15.37
C SER A 309 -22.15 2.96 16.19
N THR A 310 -21.16 2.21 15.69
CA THR A 310 -19.75 2.22 16.15
C THR A 310 -19.03 3.34 15.37
N ASP A 311 -18.83 3.17 14.05
CA ASP A 311 -18.62 4.27 13.06
C ASP A 311 -19.93 5.05 13.00
N PRO A 312 -19.99 6.28 13.58
CA PRO A 312 -21.24 7.04 13.62
C PRO A 312 -21.57 7.70 12.26
N MET A 313 -20.51 8.09 11.52
CA MET A 313 -20.49 8.59 10.11
C MET A 313 -21.23 7.63 9.16
N LEU A 314 -20.95 6.31 9.24
CA LEU A 314 -21.56 5.30 8.33
C LEU A 314 -22.74 4.57 8.97
N GLN A 315 -22.98 4.73 10.28
CA GLN A 315 -24.03 3.96 11.04
C GLN A 315 -23.82 2.46 10.76
N VAL A 316 -22.64 1.93 11.08
CA VAL A 316 -22.34 0.46 10.98
C VAL A 316 -21.64 -0.01 12.26
N ASP A 317 -21.87 -1.29 12.60
CA ASP A 317 -20.99 -2.10 13.51
C ASP A 317 -20.31 -3.18 12.67
N PHE A 318 -19.15 -3.62 13.15
CA PHE A 318 -18.35 -4.76 12.63
C PHE A 318 -18.63 -6.02 13.46
N VAL A 319 -18.97 -7.11 12.78
CA VAL A 319 -19.11 -8.48 13.34
C VAL A 319 -17.82 -9.26 13.00
N ARG A 320 -17.27 -10.02 13.96
CA ARG A 320 -16.23 -11.06 13.65
C ARG A 320 -16.91 -12.41 13.48
N PRO A 321 -17.04 -13.01 12.27
CA PRO A 321 -17.56 -14.36 12.15
C PRO A 321 -16.58 -15.36 12.77
N PRO A 322 -17.03 -16.57 13.17
CA PRO A 322 -16.12 -17.60 13.61
C PRO A 322 -15.10 -17.90 12.51
N GLY A 323 -13.80 -17.93 12.83
CA GLY A 323 -12.72 -18.20 11.87
C GLY A 323 -11.35 -17.87 12.44
N GLU A 324 -10.35 -17.74 11.57
CA GLU A 324 -8.99 -17.42 12.03
C GLU A 324 -8.80 -15.90 11.93
N TYR A 325 -8.09 -15.37 12.91
CA TYR A 325 -7.72 -13.95 13.04
C TYR A 325 -6.22 -13.86 13.21
N THR A 326 -5.62 -12.91 12.49
CA THR A 326 -4.20 -12.49 12.66
C THR A 326 -4.09 -11.78 14.01
N ALA A 327 -2.88 -11.38 14.37
CA ALA A 327 -2.62 -10.58 15.58
C ALA A 327 -3.16 -9.16 15.39
N MET A 328 -3.47 -8.71 14.16
CA MET A 328 -4.10 -7.38 13.91
C MET A 328 -5.59 -7.46 14.21
N ASP A 329 -6.07 -8.68 14.44
CA ASP A 329 -7.51 -8.98 14.61
C ASP A 329 -8.21 -8.88 13.24
N TRP A 330 -7.57 -9.33 12.17
CA TRP A 330 -8.10 -9.33 10.78
C TRP A 330 -8.51 -10.75 10.40
N GLU A 331 -9.73 -10.93 9.89
CA GLU A 331 -10.23 -12.29 9.57
C GLU A 331 -9.45 -12.81 8.38
N VAL A 332 -8.94 -14.03 8.47
CA VAL A 332 -8.24 -14.69 7.32
C VAL A 332 -9.29 -15.27 6.37
N TYR A 333 -9.26 -14.83 5.12
CA TYR A 333 -10.32 -15.15 4.13
C TYR A 333 -9.73 -15.10 2.73
N PRO A 334 -8.91 -16.12 2.34
CA PRO A 334 -8.29 -16.17 1.02
C PRO A 334 -9.30 -16.07 -0.14
N GLN A 335 -10.47 -16.68 -0.02
CA GLN A 335 -11.48 -16.64 -1.09
C GLN A 335 -11.70 -15.17 -1.46
N GLY A 336 -11.66 -14.30 -0.45
CA GLY A 336 -11.83 -12.84 -0.61
C GLY A 336 -10.94 -12.28 -1.70
N LEU A 337 -9.69 -12.75 -1.79
CA LEU A 337 -8.75 -12.22 -2.81
C LEU A 337 -9.27 -12.57 -4.21
N TYR A 338 -9.72 -13.81 -4.39
CA TYR A 338 -10.26 -14.27 -5.69
C TYR A 338 -11.48 -13.40 -6.01
N ASN A 339 -12.36 -13.22 -5.03
CA ASN A 339 -13.58 -12.39 -5.19
C ASN A 339 -13.20 -10.96 -5.62
N ILE A 340 -12.22 -10.32 -4.99
CA ILE A 340 -11.86 -8.91 -5.30
C ILE A 340 -11.32 -8.86 -6.74
N LEU A 341 -10.40 -9.77 -7.08
CA LEU A 341 -9.77 -9.76 -8.43
C LEU A 341 -10.83 -10.01 -9.50
N ASN A 342 -11.81 -10.86 -9.20
CA ASN A 342 -12.83 -11.22 -10.21
C ASN A 342 -13.77 -10.03 -10.41
N TRP A 343 -14.23 -9.43 -9.32
CA TRP A 343 -15.01 -8.15 -9.37
C TRP A 343 -14.31 -7.13 -10.28
N LEU A 344 -13.03 -6.86 -10.04
CA LEU A 344 -12.29 -5.80 -10.78
C LEU A 344 -12.26 -6.22 -12.25
N HIS A 345 -11.97 -7.49 -12.51
CA HIS A 345 -11.89 -8.06 -13.88
C HIS A 345 -13.22 -7.82 -14.58
N THR A 346 -14.32 -8.25 -13.97
CA THR A 346 -15.62 -8.27 -14.69
C THR A 346 -16.06 -6.82 -14.86
N ASP A 347 -15.79 -5.94 -13.89
CA ASP A 347 -16.49 -4.65 -13.83
C ASP A 347 -15.66 -3.54 -14.44
N TYR A 348 -14.34 -3.58 -14.34
CA TYR A 348 -13.45 -2.49 -14.79
C TYR A 348 -12.51 -2.95 -15.91
N ALA A 349 -12.30 -4.27 -16.06
CA ALA A 349 -11.46 -4.89 -17.12
C ALA A 349 -10.13 -4.16 -17.25
N PRO A 350 -9.37 -3.96 -16.16
CA PRO A 350 -8.01 -3.40 -16.28
C PRO A 350 -7.17 -4.38 -17.08
N PRO A 351 -6.30 -3.87 -17.97
CA PRO A 351 -5.49 -4.73 -18.82
C PRO A 351 -4.52 -5.61 -18.01
N ALA A 352 -4.20 -5.22 -16.78
CA ALA A 352 -3.28 -5.95 -15.88
C ALA A 352 -3.62 -5.64 -14.42
N LEU A 353 -3.54 -6.65 -13.56
CA LEU A 353 -3.73 -6.53 -12.10
C LEU A 353 -2.46 -7.01 -11.42
N TYR A 354 -2.02 -6.34 -10.36
CA TYR A 354 -0.96 -6.81 -9.45
C TYR A 354 -1.57 -6.91 -8.05
N VAL A 355 -1.23 -7.94 -7.31
CA VAL A 355 -1.34 -7.86 -5.82
C VAL A 355 -0.05 -7.22 -5.32
N THR A 356 -0.10 -5.95 -4.93
CA THR A 356 1.10 -5.16 -4.54
C THR A 356 1.30 -5.29 -3.03
N GLU A 357 0.31 -5.86 -2.35
CA GLU A 357 0.41 -6.21 -0.91
C GLU A 357 -0.54 -7.33 -0.54
N ASN A 358 -0.04 -8.31 0.18
CA ASN A 358 -0.88 -9.28 0.96
C ASN A 358 0.04 -9.93 1.99
N GLY A 359 -0.46 -10.11 3.20
CA GLY A 359 0.31 -10.76 4.28
C GLY A 359 -0.38 -10.67 5.61
N ALA A 360 0.33 -11.07 6.65
CA ALA A 360 -0.27 -11.32 7.98
C ALA A 360 0.76 -11.07 9.08
N ALA A 361 0.25 -10.54 10.18
CA ALA A 361 0.99 -10.34 11.44
C ALA A 361 0.53 -11.43 12.42
N TYR A 362 1.49 -12.23 12.89
CA TYR A 362 1.35 -13.24 13.95
C TYR A 362 2.47 -12.97 14.98
N ASP A 363 2.29 -13.38 16.25
CA ASP A 363 3.33 -13.23 17.30
C ASP A 363 4.51 -14.14 16.91
N ASP A 364 5.67 -13.58 16.60
CA ASP A 364 6.89 -14.33 16.28
C ASP A 364 7.80 -14.40 17.51
N GLN A 365 8.53 -15.50 17.67
CA GLN A 365 9.60 -15.70 18.70
C GLN A 365 10.79 -16.34 17.99
N VAL A 366 12.01 -15.96 18.36
CA VAL A 366 13.26 -16.66 17.94
C VAL A 366 13.40 -17.89 18.85
N SER A 367 13.48 -19.09 18.27
CA SER A 367 13.71 -20.38 19.00
C SER A 367 15.13 -20.36 19.60
N ALA A 368 15.43 -21.29 20.51
CA ALA A 368 16.81 -21.48 21.05
C ALA A 368 17.80 -21.73 19.90
N ALA A 369 17.37 -22.44 18.84
CA ALA A 369 18.17 -22.74 17.61
C ALA A 369 18.35 -21.50 16.72
N GLY A 370 17.69 -20.36 17.01
CA GLY A 370 17.81 -19.11 16.21
C GLY A 370 16.89 -19.07 15.00
N GLU A 371 15.84 -19.89 14.98
CA GLU A 371 14.88 -19.94 13.86
C GLU A 371 13.58 -19.22 14.29
N VAL A 372 12.78 -18.82 13.30
CA VAL A 372 11.45 -18.23 13.56
C VAL A 372 10.43 -19.10 12.84
N ASP A 373 9.69 -19.87 13.64
CA ASP A 373 8.69 -20.85 13.15
C ASP A 373 7.32 -20.17 13.17
N ASP A 374 6.83 -19.75 11.99
CA ASP A 374 5.57 -18.99 11.80
C ASP A 374 4.59 -19.79 10.94
N PRO A 375 4.05 -20.92 11.45
CA PRO A 375 3.20 -21.77 10.62
C PRO A 375 1.91 -21.04 10.19
N GLN A 376 1.42 -20.10 10.97
CA GLN A 376 0.11 -19.44 10.71
C GLN A 376 0.33 -18.45 9.57
N ARG A 377 1.42 -17.68 9.59
CA ARG A 377 1.78 -16.80 8.45
C ARG A 377 1.93 -17.65 7.19
N LEU A 378 2.61 -18.79 7.29
CA LEU A 378 2.90 -19.66 6.12
C LEU A 378 1.55 -20.10 5.52
N ALA A 379 0.61 -20.52 6.35
CA ALA A 379 -0.72 -20.99 5.91
C ALA A 379 -1.53 -19.84 5.31
N TYR A 380 -1.43 -18.63 5.89
CA TYR A 380 -2.05 -17.40 5.34
C TYR A 380 -1.57 -17.23 3.89
N LEU A 381 -0.24 -17.22 3.71
CA LEU A 381 0.35 -16.95 2.38
C LEU A 381 -0.09 -18.04 1.40
N GLU A 382 -0.08 -19.29 1.83
CA GLU A 382 -0.39 -20.45 0.95
C GLU A 382 -1.82 -20.31 0.42
N GLY A 383 -2.78 -20.05 1.29
CA GLY A 383 -4.20 -19.92 0.92
C GLY A 383 -4.43 -18.80 -0.10
N HIS A 384 -3.73 -17.66 0.08
CA HIS A 384 -3.88 -16.45 -0.77
C HIS A 384 -3.20 -16.67 -2.12
N PHE A 385 -2.05 -17.35 -2.14
CA PHE A 385 -1.33 -17.69 -3.41
C PHE A 385 -2.21 -18.65 -4.21
N GLU A 386 -2.89 -19.53 -3.50
CA GLU A 386 -3.89 -20.48 -4.06
C GLU A 386 -5.06 -19.72 -4.73
N ALA A 387 -5.67 -18.74 -4.05
CA ALA A 387 -6.70 -17.80 -4.58
C ALA A 387 -6.16 -17.06 -5.81
N ALA A 388 -4.94 -16.56 -5.77
CA ALA A 388 -4.34 -15.86 -6.94
C ALA A 388 -4.25 -16.84 -8.10
N TYR A 389 -3.82 -18.09 -7.84
CA TYR A 389 -3.62 -19.12 -8.90
C TYR A 389 -4.94 -19.42 -9.58
N ARG A 390 -6.01 -19.55 -8.79
CA ARG A 390 -7.36 -19.79 -9.31
C ARG A 390 -7.78 -18.60 -10.17
N ALA A 391 -7.45 -17.38 -9.72
CA ALA A 391 -7.78 -16.13 -10.45
C ALA A 391 -7.15 -16.22 -11.84
N ILE A 392 -5.90 -16.64 -11.94
CA ILE A 392 -5.19 -16.72 -13.25
C ILE A 392 -5.86 -17.76 -14.13
N GLN A 393 -6.27 -18.90 -13.56
CA GLN A 393 -6.88 -20.03 -14.31
C GLN A 393 -8.25 -19.60 -14.87
N ALA A 394 -8.98 -18.70 -14.20
CA ALA A 394 -10.25 -18.08 -14.65
C ALA A 394 -10.06 -16.96 -15.70
N GLY A 395 -8.83 -16.66 -16.14
CA GLY A 395 -8.54 -15.65 -17.19
C GLY A 395 -8.29 -14.26 -16.65
N ILE A 396 -8.19 -14.09 -15.32
CA ILE A 396 -7.92 -12.76 -14.68
C ILE A 396 -6.46 -12.44 -14.90
N PRO A 397 -6.13 -11.27 -15.48
CA PRO A 397 -4.78 -10.96 -15.91
C PRO A 397 -3.84 -10.47 -14.79
N LEU A 398 -3.71 -11.31 -13.76
CA LEU A 398 -2.83 -11.04 -12.61
C LEU A 398 -1.38 -11.27 -13.05
N LYS A 399 -0.52 -10.29 -12.90
CA LYS A 399 0.84 -10.31 -13.50
C LYS A 399 1.88 -10.43 -12.40
N GLY A 400 1.51 -10.22 -11.15
CA GLY A 400 2.49 -10.37 -10.07
C GLY A 400 1.85 -10.33 -8.72
N TYR A 401 2.64 -10.66 -7.70
CA TYR A 401 2.23 -10.83 -6.30
C TYR A 401 3.42 -10.44 -5.44
N PHE A 402 3.23 -9.42 -4.62
CA PHE A 402 4.23 -8.86 -3.68
C PHE A 402 3.74 -9.10 -2.26
N VAL A 403 4.49 -9.88 -1.48
CA VAL A 403 4.12 -10.20 -0.08
C VAL A 403 4.38 -8.93 0.75
N TRP A 404 3.42 -8.56 1.59
CA TRP A 404 3.67 -7.57 2.68
C TRP A 404 4.06 -8.39 3.91
N SER A 405 5.33 -8.34 4.34
CA SER A 405 6.38 -7.48 3.84
C SER A 405 7.68 -8.30 3.79
N LEU A 406 8.69 -7.79 3.10
CA LEU A 406 10.07 -8.34 3.15
C LEU A 406 10.45 -8.66 4.59
N MET A 407 10.32 -7.68 5.47
CA MET A 407 10.76 -7.86 6.87
C MET A 407 9.85 -7.09 7.81
N ASP A 408 9.86 -7.52 9.06
CA ASP A 408 9.23 -6.80 10.19
C ASP A 408 9.61 -5.32 10.08
N ASN A 409 8.67 -4.42 10.37
CA ASN A 409 8.92 -2.96 10.17
C ASN A 409 7.97 -2.18 11.08
N PHE A 410 7.98 -0.85 10.96
CA PHE A 410 7.15 0.09 11.75
C PHE A 410 5.72 -0.05 11.25
N GLU A 411 4.83 -0.74 11.98
CA GLU A 411 3.45 -1.00 11.51
C GLU A 411 2.57 0.18 11.94
N TRP A 412 2.95 1.39 11.50
CA TRP A 412 2.14 2.63 11.64
C TRP A 412 1.57 2.72 13.06
N GLY A 413 0.26 2.79 13.25
CA GLY A 413 -0.30 3.05 14.59
C GLY A 413 -0.10 1.90 15.55
N ARG A 414 0.38 0.73 15.08
CA ARG A 414 0.70 -0.42 15.96
C ARG A 414 2.19 -0.43 16.33
N GLY A 415 3.01 0.45 15.75
CA GLY A 415 4.47 0.45 15.97
C GLY A 415 5.09 -0.86 15.53
N PHE A 416 6.10 -1.32 16.27
CA PHE A 416 6.93 -2.51 15.95
C PHE A 416 6.33 -3.79 16.53
N GLU A 417 5.41 -3.69 17.46
CA GLU A 417 4.71 -4.86 18.05
C GLU A 417 4.05 -5.72 16.96
N LYS A 418 3.65 -5.20 15.80
CA LYS A 418 3.04 -6.04 14.74
C LYS A 418 4.04 -6.31 13.61
N ARG A 419 4.29 -7.60 13.40
CA ARG A 419 5.38 -8.12 12.54
C ARG A 419 4.72 -8.79 11.35
N PHE A 420 4.84 -8.16 10.17
CA PHE A 420 4.31 -8.64 8.86
C PHE A 420 5.44 -9.31 8.03
N GLY A 421 6.68 -9.27 8.51
CA GLY A 421 7.83 -9.81 7.77
C GLY A 421 7.72 -11.30 7.44
N ILE A 422 8.33 -11.71 6.33
CA ILE A 422 8.71 -13.13 6.12
C ILE A 422 10.18 -13.25 6.55
N VAL A 423 10.76 -12.12 6.95
CA VAL A 423 12.11 -11.99 7.54
C VAL A 423 11.94 -11.27 8.88
N PHE A 424 12.41 -11.88 9.96
CA PHE A 424 12.36 -11.31 11.33
C PHE A 424 13.48 -10.28 11.48
N VAL A 425 13.21 -9.23 12.23
CA VAL A 425 14.24 -8.23 12.61
C VAL A 425 14.31 -8.18 14.13
N ASP A 426 15.48 -8.53 14.67
CA ASP A 426 15.84 -8.25 16.07
C ASP A 426 16.16 -6.76 16.13
N TYR A 427 15.23 -5.92 16.63
CA TYR A 427 15.45 -4.44 16.67
C TYR A 427 16.68 -4.12 17.55
N ALA A 428 17.04 -4.99 18.51
CA ALA A 428 18.19 -4.73 19.43
C ALA A 428 19.51 -4.71 18.64
N THR A 429 19.63 -5.44 17.51
CA THR A 429 20.90 -5.63 16.77
C THR A 429 20.77 -5.37 15.26
N GLN A 430 19.54 -5.31 14.73
CA GLN A 430 19.20 -5.21 13.28
C GLN A 430 19.53 -6.51 12.55
N GLN A 431 19.69 -7.63 13.27
CA GLN A 431 19.84 -8.95 12.64
C GLN A 431 18.55 -9.27 11.89
N ARG A 432 18.67 -9.68 10.62
CA ARG A 432 17.61 -10.32 9.81
C ARG A 432 17.71 -11.85 9.97
N ILE A 433 16.59 -12.50 10.31
CA ILE A 433 16.43 -13.98 10.28
C ILE A 433 15.28 -14.29 9.32
N ILE A 434 15.58 -14.96 8.23
CA ILE A 434 14.51 -15.44 7.31
C ILE A 434 13.63 -16.42 8.11
N LYS A 435 12.33 -16.25 8.05
CA LYS A 435 11.38 -17.02 8.87
C LYS A 435 11.08 -18.29 8.08
N ARG A 436 10.46 -19.27 8.73
CA ARG A 436 9.98 -20.47 7.99
C ARG A 436 9.16 -20.06 6.76
N SER A 437 8.24 -19.07 6.91
CA SER A 437 7.35 -18.56 5.84
C SER A 437 8.22 -18.06 4.70
N GLY A 438 9.34 -17.42 5.05
CA GLY A 438 10.32 -16.92 4.07
C GLY A 438 11.06 -18.04 3.33
N LYS A 439 11.38 -19.13 4.02
CA LYS A 439 12.10 -20.29 3.42
C LYS A 439 11.18 -21.00 2.45
N TRP A 440 9.92 -21.16 2.85
CA TRP A 440 8.84 -21.64 1.96
C TRP A 440 8.66 -20.70 0.76
N PHE A 441 8.62 -19.38 0.95
CA PHE A 441 8.44 -18.41 -0.16
C PHE A 441 9.60 -18.61 -1.15
N SER A 442 10.80 -18.84 -0.62
CA SER A 442 12.05 -19.02 -1.42
C SER A 442 11.91 -20.19 -2.39
N GLN A 443 11.10 -21.21 -2.07
CA GLN A 443 10.89 -22.38 -2.97
C GLN A 443 9.71 -22.09 -3.92
N VAL A 444 8.73 -21.32 -3.46
CA VAL A 444 7.59 -20.85 -4.31
C VAL A 444 8.14 -20.00 -5.46
N THR A 445 9.02 -19.06 -5.19
CA THR A 445 9.54 -18.17 -6.25
C THR A 445 10.31 -19.00 -7.28
N ARG A 446 11.20 -19.89 -6.82
CA ARG A 446 12.08 -20.73 -7.69
C ARG A 446 11.26 -21.74 -8.52
N ALA A 447 10.23 -22.32 -7.93
CA ALA A 447 9.35 -23.29 -8.62
C ALA A 447 8.36 -22.51 -9.52
N ASN A 448 8.20 -21.21 -9.25
CA ASN A 448 7.21 -20.32 -9.90
C ASN A 448 5.83 -20.94 -9.71
N GLY A 449 5.55 -21.42 -8.50
CA GLY A 449 4.23 -21.91 -8.11
C GLY A 449 4.27 -22.71 -6.82
N LEU A 450 3.22 -23.50 -6.58
CA LEU A 450 3.04 -24.19 -5.29
C LEU A 450 3.40 -25.65 -5.46
N PRO A 451 4.16 -26.23 -4.50
CA PRO A 451 4.27 -27.69 -4.39
C PRO A 451 2.88 -28.30 -4.13
C1 GLC B . -4.98 -1.51 4.98
C2 GLC B . -6.36 -2.07 5.19
C3 GLC B . -7.14 -1.45 6.32
C4 GLC B . -6.26 -1.20 7.52
C5 GLC B . -5.18 -0.22 7.07
C6 GLC B . -3.96 0.09 7.99
O1 GLC B . -4.53 -1.20 3.64
O2 GLC B . -7.13 -2.27 3.99
O3 GLC B . -8.12 -2.46 6.53
O4 GLC B . -6.91 -0.45 8.56
O5 GLC B . -4.65 -0.48 5.79
O6 GLC B . -3.68 -1.00 8.86
C1 GLC B . -7.76 -1.14 9.45
C2 GLC B . -8.78 -0.30 10.24
C3 GLC B . -8.10 0.89 10.93
C4 GLC B . -7.17 0.34 11.97
C5 GLC B . -6.23 -0.64 11.31
C6 GLC B . -5.59 -1.45 12.48
O2 GLC B . -9.83 0.17 9.45
O3 GLC B . -8.99 1.76 11.59
O4 GLC B . -6.38 1.32 12.60
O5 GLC B . -6.91 -1.58 10.44
O6 GLC B . -4.23 -1.11 12.59
C1 GLC C . -1.30 -0.97 4.28
C2 GLC C . 0.22 -0.43 4.05
C3 GLC C . 1.28 -1.24 4.94
C4 GLC C . 0.66 -1.81 6.26
C5 GLC C . -0.69 -2.49 6.07
C6 GLC C . -1.14 -2.95 7.42
O1 GLC C . -1.65 -1.91 3.29
O2 GLC C . 0.73 -0.15 2.66
O3 GLC C . 2.41 -0.39 5.17
O4 GLC C . 1.42 -2.82 6.84
O5 GLC C . -1.69 -1.59 5.56
O6 GLC C . -1.66 -1.79 8.06
S SO4 D . -22.34 2.41 -6.93
O1 SO4 D . -23.28 1.52 -7.57
O2 SO4 D . -22.95 3.71 -6.73
O3 SO4 D . -21.98 1.86 -5.64
O4 SO4 D . -21.19 2.54 -7.77
#